data_8VPY
#
_entry.id   8VPY
#
_cell.length_a   22.434
_cell.length_b   22.492
_cell.length_c   31.230
_cell.angle_alpha   104.440
_cell.angle_beta   90.220
_cell.angle_gamma   104.740
#
_symmetry.space_group_name_H-M   'P 1'
#
loop_
_entity.id
_entity.type
_entity.pdbx_description
1 polymer UIC-16-MER
2 non-polymer METHANOL
3 water water
#
_entity_poly.entity_id   1
_entity_poly.type   'polypeptide(L)'
_entity_poly.pdbx_seq_one_letter_code
;(A1ADF)LA(AIB)A(AIB)A(AIB)L(AIB)A(AIB)L(AIB)Q(AIB)L(I77)
;
_entity_poly.pdbx_strand_id   A,B,C,D
#
# COMPACT_ATOMS: atom_id res chain seq x y z
N LEU A 2 -6.30 3.72 -0.22
CA LEU A 2 -5.43 3.70 -1.39
C LEU A 2 -5.13 5.10 -1.98
N ALA A 3 -6.10 6.01 -1.91
CA ALA A 3 -5.90 7.38 -2.40
C ALA A 3 -4.99 8.14 -1.44
N ALA A 5 -2.59 6.84 0.30
CA ALA A 5 -1.25 6.31 0.02
C ALA A 5 -0.69 6.93 -1.26
N ALA A 7 -1.38 9.72 -2.65
CA ALA A 7 -1.10 11.13 -2.41
C ALA A 7 0.20 11.29 -1.63
N LEU A 9 2.84 9.39 -1.62
N LEU A 9 2.83 9.41 -1.63
CA LEU A 9 3.95 9.16 -2.53
CA LEU A 9 3.95 9.16 -2.50
C LEU A 9 4.10 10.30 -3.52
C LEU A 9 4.10 10.31 -3.49
N ALA A 11 3.53 13.38 -3.05
CA ALA A 11 4.20 14.44 -2.30
C ALA A 11 5.72 14.20 -2.19
N LEU A 13 7.61 12.64 -4.24
CA LEU A 13 8.24 12.94 -5.53
C LEU A 13 8.36 14.45 -5.77
N GLN A 15 8.49 16.75 -3.57
CA GLN A 15 9.45 17.32 -2.64
C GLN A 15 10.89 16.94 -3.01
N LEU A 17 12.37 17.25 -5.73
CA LEU A 17 12.93 18.37 -6.50
C LEU A 17 12.80 19.71 -5.78
N LEU B 2 7.51 7.71 1.90
CA LEU B 2 7.21 6.31 1.69
C LEU B 2 6.58 5.65 2.92
N ALA B 3 7.01 6.05 4.11
CA ALA B 3 6.43 5.50 5.34
C ALA B 3 4.98 5.98 5.53
N ALA B 5 2.98 6.59 3.19
CA ALA B 5 2.23 5.79 2.21
C ALA B 5 2.04 4.37 2.73
N ALA B 7 1.99 3.30 5.77
CA ALA B 7 1.03 3.32 6.87
C ALA B 7 -0.42 3.41 6.37
N LEU B 9 -1.66 2.34 3.56
CA LEU B 9 -2.08 1.05 3.04
C LEU B 9 -2.25 0.01 4.14
N ALA B 11 -3.30 0.48 7.08
CA ALA B 11 -4.63 0.82 7.61
C ALA B 11 -5.78 0.29 6.74
N LEU B 13 -5.77 -2.26 4.75
CA LEU B 13 -5.82 -3.71 4.88
C LEU B 13 -6.51 -4.12 6.20
N GLN B 15 -8.47 -2.39 8.05
CA GLN B 15 -9.88 -1.94 8.08
C GLN B 15 -10.81 -2.79 7.19
N LEU B 17 -11.11 -5.85 7.15
CA LEU B 17 -11.69 -6.87 8.03
C LEU B 17 -12.59 -6.28 9.09
N LEU C 2 -5.49 -10.97 2.17
CA LEU C 2 -4.77 -9.98 2.96
C LEU C 2 -3.31 -10.37 3.27
N ALA C 3 -3.03 -11.65 3.38
CA ALA C 3 -1.62 -12.07 3.57
C ALA C 3 -0.80 -11.78 2.30
N ALA C 5 -1.31 -9.40 0.26
CA ALA C 5 -1.11 -7.96 0.30
C ALA C 5 -0.02 -7.58 1.28
N ALA C 7 2.47 -9.31 2.31
CA ALA C 7 3.77 -9.72 1.77
C ALA C 7 4.29 -8.74 0.70
N LEU C 9 3.69 -5.60 0.43
N LEU C 9 3.67 -5.61 0.41
CA LEU C 9 4.16 -4.40 1.11
CA LEU C 9 4.13 -4.42 1.13
C LEU C 9 5.49 -4.66 1.82
C LEU C 9 5.48 -4.67 1.80
N ALA C 11 7.84 -6.59 1.00
CA ALA C 11 8.85 -6.56 -0.06
C ALA C 11 9.20 -5.14 -0.49
N LEU C 13 9.03 -2.43 1.26
CA LEU C 13 9.77 -1.77 2.33
C LEU C 13 11.19 -2.27 2.37
N GLN C 15 12.89 -3.50 -0.10
CA GLN C 15 13.59 -3.06 -1.32
C GLN C 15 13.94 -1.57 -1.32
N LEU C 17 15.38 0.00 0.87
CA LEU C 17 16.75 0.04 1.39
C LEU C 17 17.75 -0.76 0.56
N LEU D 2 3.42 -1.19 -3.72
CA LEU D 2 2.22 -0.73 -3.10
C LEU D 2 1.00 -1.00 -4.00
N ALA D 3 1.16 -0.93 -5.32
CA ALA D 3 0.06 -1.20 -6.23
C ALA D 3 -0.25 -2.70 -6.25
N ALA D 5 0.06 -4.68 -3.72
CA ALA D 5 -0.70 -4.88 -2.49
C ALA D 5 -2.15 -4.42 -2.66
N ALA D 7 -3.90 -4.24 -5.29
CA ALA D 7 -4.63 -5.18 -6.14
C ALA D 7 -4.98 -6.44 -5.38
N LEU D 9 -5.72 -6.73 -2.27
CA LEU D 9 -6.86 -6.38 -1.45
C LEU D 9 -8.12 -6.30 -2.30
N ALA D 11 -8.92 -7.82 -4.92
CA ALA D 11 -9.32 -9.22 -5.17
C ALA D 11 -10.01 -9.84 -3.98
N LEU D 13 -11.72 -8.51 -1.63
CA LEU D 13 -13.06 -7.97 -1.43
C LEU D 13 -14.04 -8.43 -2.53
N GLN D 15 -13.82 -11.24 -4.12
CA GLN D 15 -14.03 -12.68 -3.94
C GLN D 15 -14.90 -12.99 -2.74
N LEU D 17 -17.71 -11.85 -2.24
CA LEU D 17 -19.05 -12.03 -2.82
C LEU D 17 -19.13 -13.19 -3.76
#